data_8YZ7
#
_entry.id   8YZ7
#
_cell.length_a   87.170
_cell.length_b   87.170
_cell.length_c   61.640
_cell.angle_alpha   90.00
_cell.angle_beta   90.00
_cell.angle_gamma   120.00
#
_symmetry.space_group_name_H-M   'P 32 2 1'
#
loop_
_entity.id
_entity.type
_entity.pdbx_description
1 polymer 'Transcriptional regulator, FNR/CRP family'
2 non-polymer 'POTASSIUM ION'
3 water water
#
_entity_poly.entity_id   1
_entity_poly.type   'polypeptide(L)'
_entity_poly.pdbx_seq_one_letter_code
;MTQTQTAARTFVDTVTYRPGAVILYPGKSDMLYRVSSGLVRVHTMDDDGNGLTLRYVKPGEYFGEEALAGVNRAYFAEAV
TDSAIDVINPALMSAEDNLVVTTHLVRTLERAYESIYRLVGKRLRARIAGELLELKDTALATQLDSGETMIYATHDELAA
AVGSVRETVTKVVGELSREGVISAGYGKITLKDERALATIAAA
;
_entity_poly.pdbx_strand_id   A
#
loop_
_chem_comp.id
_chem_comp.type
_chem_comp.name
_chem_comp.formula
K non-polymer 'POTASSIUM ION' 'K 1'
#
# COMPACT_ATOMS: atom_id res chain seq x y z
N VAL A 12 15.23 -10.79 14.58
CA VAL A 12 14.94 -11.78 15.62
C VAL A 12 14.07 -12.90 15.05
N ASP A 13 12.76 -12.81 15.30
CA ASP A 13 11.86 -13.91 14.87
C ASP A 13 11.06 -13.52 13.64
N THR A 14 10.72 -14.50 12.81
CA THR A 14 9.91 -14.29 11.61
C THR A 14 8.61 -15.05 11.72
N VAL A 15 7.51 -14.37 11.43
CA VAL A 15 6.16 -14.90 11.53
C VAL A 15 5.50 -14.79 10.17
N THR A 16 4.69 -15.78 9.81
CA THR A 16 3.94 -15.74 8.56
C THR A 16 2.47 -15.42 8.83
N TYR A 17 1.86 -14.65 7.95
CA TYR A 17 0.46 -14.26 8.03
C TYR A 17 -0.23 -14.56 6.71
N ARG A 18 -1.48 -15.02 6.78
CA ARG A 18 -2.27 -15.30 5.59
C ARG A 18 -2.95 -14.02 5.08
N PRO A 19 -3.44 -14.02 3.84
CA PRO A 19 -4.09 -12.81 3.32
C PRO A 19 -5.25 -12.37 4.21
N GLY A 20 -5.29 -11.07 4.51
CA GLY A 20 -6.34 -10.51 5.33
C GLY A 20 -6.14 -10.62 6.83
N ALA A 21 -5.05 -11.21 7.31
CA ALA A 21 -4.87 -11.36 8.75
C ALA A 21 -4.31 -10.08 9.37
N VAL A 22 -4.79 -9.74 10.56
CA VAL A 22 -4.34 -8.52 11.23
C VAL A 22 -3.02 -8.79 11.94
N ILE A 23 -2.04 -7.95 11.68
CA ILE A 23 -0.75 -8.01 12.34
C ILE A 23 -0.72 -7.12 13.57
N LEU A 24 -1.12 -5.85 13.41
CA LEU A 24 -1.11 -4.87 14.48
C LEU A 24 -2.48 -4.22 14.60
N TYR A 25 -2.97 -4.10 15.81
CA TYR A 25 -4.17 -3.35 16.13
C TYR A 25 -3.78 -2.01 16.75
N PRO A 26 -4.66 -1.01 16.68
CA PRO A 26 -4.38 0.22 17.42
C PRO A 26 -4.22 -0.08 18.90
N GLY A 27 -3.24 0.57 19.52
CA GLY A 27 -3.01 0.38 20.94
C GLY A 27 -1.57 0.71 21.29
N LYS A 28 -1.14 0.20 22.44
CA LYS A 28 0.22 0.47 22.91
C LYS A 28 1.25 -0.16 21.96
N SER A 29 2.34 0.56 21.73
CA SER A 29 3.41 0.04 20.88
C SER A 29 4.14 -1.10 21.57
N ASP A 30 4.90 -1.86 20.78
CA ASP A 30 5.64 -3.03 21.34
C ASP A 30 6.95 -3.23 20.58
N MET A 31 6.91 -4.00 19.49
CA MET A 31 8.12 -4.31 18.75
C MET A 31 8.12 -3.57 17.42
N LEU A 32 9.26 -3.63 16.75
CA LEU A 32 9.40 -3.12 15.38
C LEU A 32 9.27 -4.28 14.41
N TYR A 33 8.62 -4.02 13.28
CA TYR A 33 8.32 -5.06 12.30
C TYR A 33 8.85 -4.65 10.93
N ARG A 34 9.27 -5.64 10.17
CA ARG A 34 9.77 -5.47 8.82
C ARG A 34 9.16 -6.53 7.93
N VAL A 35 8.76 -6.15 6.72
CA VAL A 35 8.29 -7.11 5.73
C VAL A 35 9.51 -7.78 5.11
N SER A 36 9.58 -9.10 5.22
CA SER A 36 10.62 -9.86 4.51
C SER A 36 10.12 -10.35 3.16
N SER A 37 8.84 -10.72 3.07
CA SER A 37 8.24 -11.21 1.84
C SER A 37 6.75 -10.96 1.91
N GLY A 38 6.17 -10.52 0.81
CA GLY A 38 4.75 -10.28 0.76
C GLY A 38 4.42 -8.80 0.68
N LEU A 39 3.31 -8.43 1.32
CA LEU A 39 2.80 -7.07 1.23
C LEU A 39 1.90 -6.78 2.42
N VAL A 40 2.14 -5.68 3.10
CA VAL A 40 1.34 -5.29 4.26
C VAL A 40 0.67 -3.96 3.92
N ARG A 41 -0.46 -3.70 4.59
CA ARG A 41 -1.23 -2.49 4.39
C ARG A 41 -1.44 -1.83 5.75
N VAL A 42 -1.09 -0.56 5.86
CA VAL A 42 -1.38 0.21 7.06
C VAL A 42 -2.63 1.03 6.78
N HIS A 43 -3.64 0.91 7.63
CA HIS A 43 -4.91 1.53 7.30
C HIS A 43 -5.68 1.91 8.56
N THR A 44 -6.78 2.62 8.33
CA THR A 44 -7.70 3.00 9.39
C THR A 44 -9.11 2.98 8.81
N MET A 45 -10.08 3.42 9.60
CA MET A 45 -11.46 3.54 9.16
C MET A 45 -11.91 4.99 9.25
N ASP A 46 -12.72 5.43 8.28
CA ASP A 46 -13.30 6.77 8.34
C ASP A 46 -14.55 6.75 9.23
N ASP A 47 -15.32 7.84 9.21
CA ASP A 47 -16.48 8.00 10.08
C ASP A 47 -17.72 7.26 9.57
N ASP A 48 -17.68 6.70 8.37
CA ASP A 48 -18.75 5.86 7.84
C ASP A 48 -18.40 4.38 7.85
N GLY A 49 -17.29 4.00 8.48
CA GLY A 49 -16.81 2.63 8.46
C GLY A 49 -16.01 2.28 7.23
N ASN A 50 -15.89 3.18 6.25
CA ASN A 50 -15.14 2.89 5.04
C ASN A 50 -13.64 2.91 5.33
N GLY A 51 -12.92 2.00 4.68
CA GLY A 51 -11.50 1.88 4.95
C GLY A 51 -10.71 2.99 4.29
N LEU A 52 -9.53 3.26 4.84
CA LEU A 52 -8.61 4.22 4.27
C LEU A 52 -7.20 3.67 4.41
N THR A 53 -6.56 3.39 3.28
CA THR A 53 -5.19 2.90 3.31
C THR A 53 -4.24 4.07 3.49
N LEU A 54 -3.38 3.98 4.51
CA LEU A 54 -2.36 5.00 4.70
C LEU A 54 -1.13 4.74 3.84
N ARG A 55 -0.70 3.49 3.77
CA ARG A 55 0.36 3.11 2.85
C ARG A 55 0.41 1.59 2.70
N TYR A 56 0.97 1.15 1.57
CA TYR A 56 1.39 -0.22 1.37
C TYR A 56 2.86 -0.34 1.78
N VAL A 57 3.21 -1.47 2.39
CA VAL A 57 4.54 -1.73 2.90
C VAL A 57 5.07 -2.94 2.15
N LYS A 58 6.12 -2.73 1.36
CA LYS A 58 6.72 -3.70 0.46
C LYS A 58 7.90 -4.38 1.14
N PRO A 59 8.39 -5.49 0.59
CA PRO A 59 9.52 -6.19 1.23
C PRO A 59 10.70 -5.26 1.46
N GLY A 60 11.34 -5.41 2.62
CA GLY A 60 12.42 -4.52 3.02
C GLY A 60 11.98 -3.32 3.82
N GLU A 61 10.70 -2.96 3.80
CA GLU A 61 10.23 -1.77 4.48
C GLU A 61 9.68 -2.12 5.87
N TYR A 62 9.74 -1.15 6.76
CA TYR A 62 9.40 -1.33 8.17
C TYR A 62 8.00 -0.79 8.46
N PHE A 63 7.38 -1.32 9.52
CA PHE A 63 6.17 -0.74 10.08
C PHE A 63 6.17 -0.97 11.59
N GLY A 64 5.21 -0.37 12.27
CA GLY A 64 5.21 -0.40 13.73
C GLY A 64 6.29 0.43 14.37
N GLU A 65 6.75 1.48 13.68
CA GLU A 65 7.91 2.27 14.19
C GLU A 65 7.56 3.05 15.46
N GLU A 66 6.29 3.25 15.76
CA GLU A 66 5.94 3.93 17.00
C GLU A 66 6.64 3.32 18.20
N ALA A 67 7.10 2.08 18.08
CA ALA A 67 7.83 1.45 19.17
C ALA A 67 9.12 2.19 19.48
N LEU A 68 9.75 2.77 18.46
CA LEU A 68 11.00 3.50 18.69
C LEU A 68 10.79 4.68 19.62
N ALA A 69 9.65 5.36 19.48
CA ALA A 69 9.31 6.54 20.27
C ALA A 69 8.42 6.22 21.47
N GLY A 70 8.05 4.95 21.66
CA GLY A 70 7.16 4.59 22.76
C GLY A 70 5.75 5.10 22.62
N VAL A 71 5.46 5.83 21.55
CA VAL A 71 4.10 6.32 21.32
C VAL A 71 3.19 5.15 20.97
N ASN A 72 1.90 5.35 21.23
CA ASN A 72 0.94 4.33 20.82
C ASN A 72 0.70 4.40 19.32
N ARG A 73 0.14 3.33 18.78
CA ARG A 73 -0.24 3.26 17.39
C ARG A 73 -1.74 3.47 17.26
N ALA A 74 -2.13 4.26 16.27
CA ALA A 74 -3.54 4.54 16.03
C ALA A 74 -4.07 3.86 14.77
N TYR A 75 -3.24 3.07 14.10
CA TYR A 75 -3.63 2.43 12.86
C TYR A 75 -3.65 0.91 13.01
N PHE A 76 -4.19 0.25 12.00
CA PHE A 76 -4.11 -1.20 11.84
C PHE A 76 -3.00 -1.51 10.84
N ALA A 77 -2.41 -2.69 10.95
CA ALA A 77 -1.57 -3.23 9.88
C ALA A 77 -2.04 -4.65 9.61
N GLU A 78 -2.25 -4.97 8.33
CA GLU A 78 -2.76 -6.28 7.92
C GLU A 78 -1.94 -6.81 6.74
N ALA A 79 -1.87 -8.14 6.65
CA ALA A 79 -1.28 -8.77 5.47
C ALA A 79 -2.24 -8.66 4.29
N VAL A 80 -1.76 -8.14 3.17
CA VAL A 80 -2.55 -8.16 1.93
C VAL A 80 -2.40 -9.50 1.21
N THR A 81 -1.18 -9.98 1.05
CA THR A 81 -0.91 -11.30 0.51
C THR A 81 -0.25 -12.15 1.58
N ASP A 82 0.02 -13.42 1.25
CA ASP A 82 0.82 -14.26 2.13
C ASP A 82 2.15 -13.57 2.41
N SER A 83 2.49 -13.39 3.67
CA SER A 83 3.60 -12.52 4.00
C SER A 83 4.42 -13.09 5.14
N ALA A 84 5.73 -12.84 5.10
CA ALA A 84 6.65 -13.20 6.18
C ALA A 84 7.17 -11.91 6.82
N ILE A 85 6.96 -11.76 8.12
CA ILE A 85 7.24 -10.52 8.84
C ILE A 85 8.30 -10.80 9.89
N ASP A 86 9.35 -9.96 9.92
CA ASP A 86 10.38 -10.06 10.95
C ASP A 86 10.02 -9.15 12.13
N VAL A 87 10.14 -9.70 13.34
CA VAL A 87 9.87 -8.95 14.57
C VAL A 87 11.19 -8.53 15.19
N ILE A 88 11.30 -7.26 15.57
CA ILE A 88 12.57 -6.70 16.02
C ILE A 88 12.37 -6.01 17.37
N ASN A 89 13.36 -6.18 18.26
CA ASN A 89 13.36 -5.47 19.54
C ASN A 89 14.11 -4.15 19.40
N PRO A 90 13.44 -3.01 19.59
CA PRO A 90 14.13 -1.72 19.41
C PRO A 90 15.39 -1.53 20.26
N ALA A 91 15.40 -2.01 21.51
CA ALA A 91 16.56 -1.79 22.35
C ALA A 91 17.75 -2.64 21.89
N LEU A 92 17.49 -3.88 21.50
CA LEU A 92 18.55 -4.76 21.02
C LEU A 92 19.22 -4.23 19.76
N MET A 93 18.56 -3.37 19.00
CA MET A 93 19.11 -2.90 17.74
C MET A 93 20.42 -2.16 17.94
N SER A 94 21.31 -2.30 16.98
CA SER A 94 22.58 -1.59 16.96
C SER A 94 22.43 -0.25 16.25
N ALA A 95 23.42 0.61 16.46
CA ALA A 95 23.39 1.94 15.86
C ALA A 95 23.34 1.88 14.33
N GLU A 96 24.03 0.90 13.75
CA GLU A 96 23.99 0.74 12.30
C GLU A 96 22.57 0.45 11.82
N ASP A 97 21.87 -0.45 12.51
CA ASP A 97 20.48 -0.74 12.15
C ASP A 97 19.59 0.47 12.33
N ASN A 98 19.87 1.28 13.36
CA ASN A 98 19.10 2.49 13.61
C ASN A 98 19.19 3.46 12.44
N LEU A 99 20.38 3.54 11.82
CA LEU A 99 20.52 4.41 10.66
C LEU A 99 19.69 3.91 9.49
N VAL A 100 19.57 2.59 9.35
CA VAL A 100 18.75 2.01 8.27
C VAL A 100 17.30 2.38 8.47
N VAL A 101 16.80 2.21 9.68
CA VAL A 101 15.40 2.53 9.96
C VAL A 101 15.14 4.01 9.76
N THR A 102 16.09 4.85 10.15
CA THR A 102 15.93 6.30 10.00
C THR A 102 15.81 6.66 8.53
N THR A 103 16.64 6.05 7.69
CA THR A 103 16.56 6.30 6.25
C THR A 103 15.19 5.89 5.71
N HIS A 104 14.69 4.74 6.14
CA HIS A 104 13.37 4.29 5.71
C HIS A 104 12.28 5.26 6.18
N LEU A 105 12.37 5.75 7.42
CA LEU A 105 11.38 6.70 7.91
C LEU A 105 11.35 7.95 7.06
N VAL A 106 12.51 8.48 6.68
CA VAL A 106 12.54 9.68 5.85
C VAL A 106 11.81 9.43 4.55
N ARG A 107 12.09 8.29 3.91
CA ARG A 107 11.39 7.97 2.66
C ARG A 107 9.91 7.78 2.90
N THR A 108 9.54 7.17 4.02
CA THR A 108 8.13 6.94 4.29
C THR A 108 7.41 8.27 4.50
N LEU A 109 8.06 9.22 5.18
CA LEU A 109 7.44 10.54 5.36
C LEU A 109 7.33 11.27 4.02
N GLU A 110 8.33 11.11 3.15
CA GLU A 110 8.24 11.72 1.83
C GLU A 110 7.05 11.16 1.06
N ARG A 111 6.78 9.86 1.19
CA ARG A 111 5.62 9.26 0.53
C ARG A 111 4.31 9.73 1.16
N ALA A 112 4.31 9.95 2.47
CA ALA A 112 3.11 10.50 3.10
C ALA A 112 2.80 11.90 2.57
N TYR A 113 3.83 12.73 2.38
CA TYR A 113 3.58 14.07 1.86
C TYR A 113 3.12 14.03 0.41
N GLU A 114 3.65 13.10 -0.38
CA GLU A 114 3.16 12.97 -1.74
C GLU A 114 1.70 12.54 -1.75
N SER A 115 1.31 11.64 -0.83
CA SER A 115 -0.09 11.23 -0.71
C SER A 115 -0.98 12.42 -0.43
N ILE A 116 -0.55 13.30 0.49
CA ILE A 116 -1.31 14.49 0.80
C ILE A 116 -1.46 15.37 -0.44
N TYR A 117 -0.34 15.71 -1.06
CA TYR A 117 -0.38 16.55 -2.27
C TYR A 117 -1.39 16.01 -3.27
N ARG A 118 -1.37 14.70 -3.50
CA ARG A 118 -2.23 14.13 -4.54
C ARG A 118 -3.69 14.14 -4.13
N LEU A 119 -3.99 13.85 -2.87
CA LEU A 119 -5.36 13.96 -2.37
C LEU A 119 -5.96 15.35 -2.60
N VAL A 120 -5.16 16.39 -2.38
CA VAL A 120 -5.66 17.75 -2.53
C VAL A 120 -5.65 18.19 -3.98
N GLY A 121 -4.60 17.83 -4.72
CA GLY A 121 -4.30 18.44 -6.00
C GLY A 121 -4.53 17.62 -7.26
N LYS A 122 -4.91 16.34 -7.15
CA LYS A 122 -5.10 15.50 -8.33
C LYS A 122 -6.53 14.97 -8.42
N ARG A 123 -7.07 14.93 -9.63
CA ARG A 123 -8.35 14.31 -9.91
C ARG A 123 -8.30 12.80 -9.70
N LEU A 124 -9.48 12.21 -9.52
CA LEU A 124 -9.55 10.79 -9.19
C LEU A 124 -8.92 9.90 -10.25
N ARG A 125 -9.10 10.23 -11.54
CA ARG A 125 -8.47 9.42 -12.57
C ARG A 125 -6.94 9.46 -12.44
N ALA A 126 -6.39 10.62 -12.08
CA ALA A 126 -4.94 10.70 -11.87
C ALA A 126 -4.50 9.88 -10.68
N ARG A 127 -5.28 9.90 -9.60
CA ARG A 127 -4.90 9.11 -8.44
C ARG A 127 -5.02 7.62 -8.72
N ILE A 128 -6.09 7.20 -9.39
CA ILE A 128 -6.24 5.79 -9.74
C ILE A 128 -5.08 5.34 -10.62
N ALA A 129 -4.69 6.15 -11.60
CA ALA A 129 -3.63 5.75 -12.50
C ALA A 129 -2.29 5.62 -11.77
N GLY A 130 -1.99 6.59 -10.90
CA GLY A 130 -0.76 6.52 -10.14
C GLY A 130 -0.72 5.30 -9.24
N GLU A 131 -1.87 4.95 -8.64
CA GLU A 131 -1.88 3.84 -7.69
C GLU A 131 -1.63 2.50 -8.39
N LEU A 132 -2.24 2.32 -9.57
CA LEU A 132 -1.99 1.09 -10.34
C LEU A 132 -0.52 0.93 -10.65
N LEU A 133 0.14 2.01 -11.06
CA LEU A 133 1.57 1.93 -11.35
C LEU A 133 2.36 1.63 -10.07
N GLU A 134 1.96 2.22 -8.93
CA GLU A 134 2.62 1.86 -7.68
C GLU A 134 2.47 0.37 -7.38
N LEU A 135 1.28 -0.19 -7.56
CA LEU A 135 1.11 -1.59 -7.21
C LEU A 135 1.83 -2.52 -8.18
N LYS A 136 2.29 -2.00 -9.32
CA LYS A 136 2.97 -2.84 -10.31
C LYS A 136 4.19 -3.54 -9.72
N ASP A 137 4.85 -2.94 -8.74
CA ASP A 137 6.04 -3.54 -8.15
C ASP A 137 5.75 -4.21 -6.80
N THR A 138 4.56 -4.79 -6.64
CA THR A 138 4.18 -5.46 -5.40
C THR A 138 3.77 -6.89 -5.69
N ALA A 139 3.45 -7.61 -4.61
CA ALA A 139 2.99 -8.98 -4.71
C ALA A 139 1.59 -9.09 -5.30
N LEU A 140 0.86 -7.97 -5.45
CA LEU A 140 -0.43 -8.00 -6.10
C LEU A 140 -0.32 -8.08 -7.61
N ALA A 141 0.89 -8.01 -8.15
CA ALA A 141 1.09 -7.91 -9.59
C ALA A 141 1.60 -9.23 -10.16
N THR A 142 1.15 -9.55 -11.37
CA THR A 142 1.63 -10.73 -12.07
C THR A 142 1.83 -10.37 -13.53
N GLN A 143 2.74 -11.07 -14.20
CA GLN A 143 3.02 -10.80 -15.61
C GLN A 143 2.29 -11.83 -16.46
N LEU A 144 1.38 -11.36 -17.31
CA LEU A 144 0.65 -12.25 -18.20
C LEU A 144 1.57 -12.76 -19.30
N ASP A 145 1.09 -13.76 -20.03
CA ASP A 145 1.85 -14.27 -21.18
C ASP A 145 2.07 -13.19 -22.23
N SER A 146 1.15 -12.23 -22.34
CA SER A 146 1.33 -11.14 -23.30
C SER A 146 2.48 -10.22 -22.91
N GLY A 147 3.01 -10.34 -21.70
CA GLY A 147 3.98 -9.41 -21.19
C GLY A 147 3.37 -8.28 -20.39
N GLU A 148 2.08 -8.07 -20.49
CA GLU A 148 1.42 -7.04 -19.70
C GLU A 148 1.46 -7.40 -18.22
N THR A 149 1.42 -6.35 -17.39
CA THR A 149 1.23 -6.52 -15.95
C THR A 149 -0.26 -6.49 -15.64
N MET A 150 -0.71 -7.44 -14.81
CA MET A 150 -2.06 -7.45 -14.25
C MET A 150 -1.99 -7.29 -12.74
N ILE A 151 -2.88 -6.46 -12.19
CA ILE A 151 -2.92 -6.16 -10.76
C ILE A 151 -4.16 -6.81 -10.16
N TYR A 152 -4.01 -7.46 -9.01
CA TYR A 152 -5.16 -7.99 -8.28
C TYR A 152 -5.67 -6.91 -7.34
N ALA A 153 -6.80 -6.30 -7.68
CA ALA A 153 -7.41 -5.35 -6.77
C ALA A 153 -8.89 -5.20 -7.12
N THR A 154 -9.73 -5.12 -6.10
CA THR A 154 -11.13 -4.82 -6.31
C THR A 154 -11.33 -3.30 -6.32
N HIS A 155 -12.50 -2.88 -6.77
CA HIS A 155 -12.76 -1.45 -6.79
C HIS A 155 -12.87 -0.90 -5.37
N ASP A 156 -13.26 -1.73 -4.40
CA ASP A 156 -13.30 -1.27 -3.01
C ASP A 156 -11.89 -1.07 -2.47
N GLU A 157 -10.97 -1.97 -2.84
CA GLU A 157 -9.58 -1.81 -2.41
C GLU A 157 -8.93 -0.60 -3.06
N LEU A 158 -9.22 -0.35 -4.35
CA LEU A 158 -8.72 0.88 -4.97
C LEU A 158 -9.27 2.13 -4.29
N ALA A 159 -10.57 2.15 -4.00
CA ALA A 159 -11.16 3.32 -3.37
C ALA A 159 -10.46 3.64 -2.05
N ALA A 160 -10.14 2.63 -1.26
CA ALA A 160 -9.46 2.87 0.01
C ALA A 160 -8.03 3.37 -0.21
N ALA A 161 -7.39 3.00 -1.30
CA ALA A 161 -6.04 3.45 -1.56
C ALA A 161 -5.98 4.88 -2.09
N VAL A 162 -7.03 5.38 -2.72
CA VAL A 162 -6.99 6.73 -3.29
C VAL A 162 -7.94 7.69 -2.59
N GLY A 163 -8.56 7.28 -1.48
CA GLY A 163 -9.47 8.14 -0.76
C GLY A 163 -10.72 8.49 -1.55
N SER A 164 -11.34 7.48 -2.14
CA SER A 164 -12.58 7.67 -2.88
C SER A 164 -13.62 6.66 -2.41
N VAL A 165 -14.72 6.52 -3.14
CA VAL A 165 -15.75 5.54 -2.84
C VAL A 165 -15.87 4.62 -4.05
N ARG A 166 -16.31 3.39 -3.77
CA ARG A 166 -16.37 2.36 -4.82
C ARG A 166 -17.06 2.86 -6.08
N GLU A 167 -18.25 3.45 -5.94
CA GLU A 167 -19.07 3.79 -7.11
C GLU A 167 -18.35 4.74 -8.06
N THR A 168 -17.61 5.69 -7.51
CA THR A 168 -16.88 6.64 -8.34
C THR A 168 -15.64 5.98 -8.95
N VAL A 169 -15.00 5.08 -8.21
CA VAL A 169 -13.85 4.36 -8.78
C VAL A 169 -14.31 3.50 -9.96
N THR A 170 -15.47 2.86 -9.84
CA THR A 170 -15.99 2.04 -10.94
C THR A 170 -16.23 2.88 -12.19
N LYS A 171 -16.80 4.07 -12.03
CA LYS A 171 -17.00 4.94 -13.19
C LYS A 171 -15.67 5.27 -13.87
N VAL A 172 -14.64 5.58 -13.08
CA VAL A 172 -13.35 5.98 -13.65
C VAL A 172 -12.65 4.77 -14.30
N VAL A 173 -12.74 3.58 -13.67
CA VAL A 173 -12.22 2.39 -14.34
C VAL A 173 -12.88 2.21 -15.69
N GLY A 174 -14.20 2.46 -15.76
CA GLY A 174 -14.87 2.40 -17.05
C GLY A 174 -14.32 3.41 -18.05
N GLU A 175 -14.07 4.63 -17.59
CA GLU A 175 -13.51 5.64 -18.48
C GLU A 175 -12.12 5.23 -18.98
N LEU A 176 -11.26 4.75 -18.08
CA LEU A 176 -9.91 4.38 -18.49
C LEU A 176 -9.93 3.15 -19.39
N SER A 177 -10.91 2.27 -19.24
CA SER A 177 -11.05 1.16 -20.18
C SER A 177 -11.44 1.65 -21.57
N ARG A 178 -12.40 2.57 -21.63
CA ARG A 178 -12.81 3.10 -22.92
C ARG A 178 -11.69 3.91 -23.59
N GLU A 179 -10.79 4.50 -22.81
CA GLU A 179 -9.64 5.18 -23.38
C GLU A 179 -8.56 4.21 -23.84
N GLY A 180 -8.70 2.91 -23.52
CA GLY A 180 -7.73 1.92 -23.94
C GLY A 180 -6.45 1.86 -23.15
N VAL A 181 -6.44 2.38 -21.91
CA VAL A 181 -5.21 2.33 -21.13
C VAL A 181 -5.18 1.15 -20.17
N ILE A 182 -6.34 0.56 -19.85
CA ILE A 182 -6.41 -0.65 -19.03
C ILE A 182 -7.42 -1.58 -19.66
N SER A 183 -7.40 -2.83 -19.21
CA SER A 183 -8.43 -3.80 -19.51
C SER A 183 -8.96 -4.30 -18.18
N ALA A 184 -10.23 -4.05 -17.91
CA ALA A 184 -10.79 -4.30 -16.60
C ALA A 184 -11.37 -5.71 -16.50
N GLY A 185 -11.20 -6.31 -15.32
CA GLY A 185 -11.69 -7.66 -15.11
C GLY A 185 -12.47 -7.74 -13.81
N TYR A 186 -12.62 -8.95 -13.26
CA TYR A 186 -13.35 -9.16 -12.01
C TYR A 186 -12.33 -9.26 -10.89
N GLY A 187 -12.12 -8.16 -10.18
CA GLY A 187 -11.06 -8.12 -9.18
C GLY A 187 -9.66 -8.14 -9.77
N LYS A 188 -9.51 -7.76 -11.03
CA LYS A 188 -8.23 -7.77 -11.75
C LYS A 188 -8.23 -6.63 -12.76
N ILE A 189 -7.10 -5.97 -12.93
CA ILE A 189 -6.97 -4.88 -13.91
C ILE A 189 -5.64 -5.04 -14.63
N THR A 190 -5.70 -5.14 -15.96
CA THR A 190 -4.50 -5.26 -16.78
C THR A 190 -4.06 -3.89 -17.27
N LEU A 191 -2.78 -3.58 -17.11
CA LEU A 191 -2.22 -2.31 -17.55
C LEU A 191 -1.81 -2.46 -19.01
N LYS A 192 -2.64 -1.94 -19.90
CA LYS A 192 -2.38 -2.11 -21.33
C LYS A 192 -1.41 -1.05 -21.87
N ASP A 193 -1.39 0.15 -21.27
CA ASP A 193 -0.51 1.24 -21.74
C ASP A 193 0.07 1.99 -20.54
N GLU A 194 1.22 1.54 -20.04
CA GLU A 194 1.72 2.14 -18.80
C GLU A 194 2.27 3.54 -19.04
N ARG A 195 2.72 3.85 -20.26
CA ARG A 195 3.15 5.21 -20.55
C ARG A 195 1.97 6.18 -20.41
N ALA A 196 0.84 5.84 -21.02
CA ALA A 196 -0.35 6.69 -20.93
C ALA A 196 -0.84 6.80 -19.48
N LEU A 197 -0.73 5.73 -18.71
CA LEU A 197 -1.08 5.80 -17.28
C LEU A 197 -0.20 6.80 -16.54
N ALA A 198 1.10 6.80 -16.81
CA ALA A 198 2.00 7.76 -16.19
C ALA A 198 1.62 9.19 -16.57
N THR A 199 1.20 9.40 -17.82
CA THR A 199 0.79 10.73 -18.26
C THR A 199 -0.46 11.18 -17.53
N ILE A 200 -1.46 10.29 -17.43
CA ILE A 200 -2.69 10.60 -16.70
C ILE A 200 -2.36 10.87 -15.23
N ALA A 201 -1.47 10.07 -14.65
CA ALA A 201 -1.15 10.22 -13.24
C ALA A 201 -0.48 11.56 -12.94
N ALA A 202 0.30 12.07 -13.89
CA ALA A 202 0.89 13.39 -13.74
C ALA A 202 -0.06 14.46 -14.26
K K B . -13.93 -5.30 -8.80
K K C . -11.91 14.10 -8.80
K K D . -5.80 12.96 -18.36
#